data_5L1W
#
_entry.id   5L1W
#
_cell.length_a   44.574
_cell.length_b   163.227
_cell.length_c   83.289
_cell.angle_alpha   90.000
_cell.angle_beta   90.000
_cell.angle_gamma   90.000
#
_symmetry.space_group_name_H-M   'P 21 21 2'
#
loop_
_entity.id
_entity.type
_entity.pdbx_description
1 polymer 'Pentalenolactone synthase'
2 non-polymer 'pentalenolactone F'
3 non-polymer 'PROTOPORPHYRIN IX CONTAINING FE'
4 water water
#
_entity_poly.entity_id   1
_entity_poly.type   'polypeptide(L)'
_entity_poly.pdbx_seq_one_letter_code
;GSHMTDLPRLPFDNPDIMGIAPQMLALQKEGPIARVGTAGEDAWLVTRYDEVRTLLADRRLRLSNPNPQPSAKSAARAFM
VAL(CME)AGDDHETEPARHAQMRSLLIPRFSTRRLRLMKTRIEHHVDELLDQLAASAPPVDLHRVLSFRLPTMVVCDLL
GVPLADRERFGQWARGTFDQSDNEHSANTFQQVVDYMLELVARKRVEPGDDILSELIAEKDGALSDADIAHLGNAVLLFG
YETTIVRIDLGTLLLLRNPVQRAQLAEDPGLAPAAVEEILRLGVGGKGSNALIPRYAHGDITVGETVIRTGDAVMLAIGA
ANYDDRAFPDGGLFDLTRVRPRSHLAFGHGARHCIGRTLARIELTAVFERLFRRLPDLRLAVPEESLRWQEHRITGGFDE
IPVTF
;
_entity_poly.pdbx_strand_id   A
#
loop_
_chem_comp.id
_chem_comp.type
_chem_comp.name
_chem_comp.formula
7PF non-polymer 'pentalenolactone F' 'C15 H18 O5'
HEM non-polymer 'PROTOPORPHYRIN IX CONTAINING FE' 'C34 H32 Fe N4 O4'
#
# COMPACT_ATOMS: atom_id res chain seq x y z
N THR A 5 4.26 32.71 13.45
CA THR A 5 4.80 31.42 13.06
C THR A 5 4.38 30.31 14.02
N ASP A 6 3.83 29.24 13.43
CA ASP A 6 3.24 28.14 14.19
C ASP A 6 3.70 26.85 13.51
N LEU A 7 4.58 26.10 14.17
CA LEU A 7 5.10 24.86 13.61
C LEU A 7 3.97 23.88 13.33
N PRO A 8 3.79 23.43 12.09
CA PRO A 8 2.75 22.42 11.82
C PRO A 8 3.16 21.07 12.38
N ARG A 9 2.16 20.32 12.83
CA ARG A 9 2.39 19.04 13.50
C ARG A 9 1.63 17.93 12.77
N LEU A 10 2.37 16.93 12.29
CA LEU A 10 1.74 15.74 11.72
C LEU A 10 1.24 14.83 12.85
N PRO A 11 0.10 14.16 12.64
CA PRO A 11 -0.76 14.24 11.45
C PRO A 11 -1.69 15.45 11.45
N PHE A 12 -2.00 15.96 10.26
CA PHE A 12 -2.93 17.07 10.11
C PHE A 12 -4.36 16.55 10.07
N ASP A 13 -5.27 17.36 10.62
CA ASP A 13 -6.69 17.01 10.56
C ASP A 13 -7.21 17.04 9.13
N ASN A 14 -8.14 16.16 8.84
CA ASN A 14 -8.86 16.13 7.57
C ASN A 14 -10.35 16.08 7.89
N PRO A 15 -11.12 17.12 7.58
CA PRO A 15 -12.56 17.07 7.86
C PRO A 15 -13.33 16.13 6.94
N ASP A 16 -12.71 15.65 5.87
CA ASP A 16 -13.32 14.67 4.98
C ASP A 16 -12.76 13.28 5.27
N ILE A 17 -13.49 12.25 4.83
CA ILE A 17 -13.02 10.88 5.03
C ILE A 17 -11.99 10.47 3.99
N MET A 18 -11.76 11.29 2.97
CA MET A 18 -10.76 11.01 1.94
C MET A 18 -10.09 12.33 1.55
N GLY A 19 -9.03 12.24 0.78
CA GLY A 19 -8.31 13.40 0.28
C GLY A 19 -7.13 13.78 1.14
N ILE A 20 -6.64 15.00 0.90
CA ILE A 20 -5.46 15.53 1.58
C ILE A 20 -5.91 16.52 2.65
N ALA A 21 -5.24 16.48 3.80
CA ALA A 21 -5.55 17.42 4.86
C ALA A 21 -5.36 18.86 4.36
N PRO A 22 -6.32 19.75 4.63
CA PRO A 22 -6.17 21.14 4.14
C PRO A 22 -4.83 21.78 4.49
N GLN A 23 -4.27 21.50 5.68
CA GLN A 23 -3.00 22.13 6.03
C GLN A 23 -1.86 21.60 5.16
N MET A 24 -1.91 20.34 4.73
CA MET A 24 -0.84 19.86 3.86
C MET A 24 -0.92 20.50 2.48
N LEU A 25 -2.15 20.71 1.97
CA LEU A 25 -2.29 21.43 0.72
C LEU A 25 -1.85 22.88 0.86
N ALA A 26 -2.07 23.49 2.03
CA ALA A 26 -1.64 24.86 2.26
C ALA A 26 -0.12 24.97 2.23
N LEU A 27 0.58 24.02 2.88
CA LEU A 27 2.03 23.97 2.80
C LEU A 27 2.50 23.78 1.37
N GLN A 28 1.81 22.92 0.62
CA GLN A 28 2.19 22.65 -0.77
C GLN A 28 2.05 23.91 -1.62
N LYS A 29 1.06 24.75 -1.32
CA LYS A 29 0.92 26.01 -2.02
C LYS A 29 2.10 26.94 -1.72
N GLU A 30 2.57 26.94 -0.47
CA GLU A 30 3.69 27.79 -0.08
C GLU A 30 4.96 27.39 -0.82
N GLY A 31 5.26 26.09 -0.87
CA GLY A 31 6.50 25.62 -1.44
C GLY A 31 6.65 24.12 -1.32
N PRO A 32 7.77 23.59 -1.81
CA PRO A 32 7.93 22.13 -1.86
C PRO A 32 8.29 21.47 -0.54
N ILE A 33 8.87 22.19 0.42
CA ILE A 33 9.43 21.54 1.60
C ILE A 33 9.24 22.44 2.83
N ALA A 34 8.78 21.83 3.93
CA ALA A 34 8.58 22.54 5.19
C ALA A 34 9.03 21.66 6.34
N ARG A 35 9.59 22.30 7.37
CA ARG A 35 9.95 21.61 8.60
C ARG A 35 8.72 21.52 9.49
N VAL A 36 8.42 20.31 9.98
CA VAL A 36 7.20 20.06 10.74
C VAL A 36 7.53 19.21 11.96
N GLY A 37 6.65 19.30 12.96
CA GLY A 37 6.69 18.35 14.04
C GLY A 37 5.91 17.08 13.70
N THR A 38 6.19 16.02 14.44
CA THR A 38 5.43 14.78 14.36
C THR A 38 5.14 14.31 15.78
N ALA A 39 4.58 13.11 15.91
CA ALA A 39 4.46 12.50 17.22
C ALA A 39 5.83 12.13 17.79
N GLY A 40 6.84 12.00 16.94
CA GLY A 40 8.21 11.72 17.38
C GLY A 40 9.18 12.82 17.00
N GLU A 41 10.10 12.53 16.09
CA GLU A 41 11.07 13.52 15.65
C GLU A 41 10.42 14.54 14.73
N ASP A 42 11.01 15.74 14.70
CA ASP A 42 10.68 16.67 13.64
C ASP A 42 11.25 16.18 12.32
N ALA A 43 10.63 16.59 11.22
CA ALA A 43 10.97 16.05 9.92
C ALA A 43 10.73 17.11 8.86
N TRP A 44 11.40 16.94 7.72
CA TRP A 44 11.11 17.73 6.54
C TRP A 44 9.94 17.09 5.80
N LEU A 45 8.93 17.88 5.47
CA LEU A 45 7.76 17.40 4.75
C LEU A 45 7.80 17.94 3.33
N VAL A 46 7.93 17.03 2.36
CA VAL A 46 8.01 17.39 0.94
C VAL A 46 6.69 17.01 0.30
N THR A 47 6.02 17.99 -0.33
CA THR A 47 4.63 17.84 -0.74
C THR A 47 4.36 18.05 -2.23
N ARG A 48 5.32 18.53 -3.01
CA ARG A 48 5.11 18.75 -4.44
C ARG A 48 5.66 17.58 -5.26
N TYR A 49 4.97 17.28 -6.37
CA TYR A 49 5.26 16.08 -7.16
C TYR A 49 6.72 16.02 -7.59
N ASP A 50 7.21 17.08 -8.24
CA ASP A 50 8.56 17.03 -8.81
C ASP A 50 9.60 16.74 -7.74
N GLU A 51 9.49 17.38 -6.57
CA GLU A 51 10.49 17.22 -5.53
C GLU A 51 10.39 15.85 -4.86
N VAL A 52 9.17 15.36 -4.63
CA VAL A 52 9.01 14.03 -4.05
C VAL A 52 9.59 12.97 -4.99
N ARG A 53 9.28 13.07 -6.29
CA ARG A 53 9.80 12.11 -7.25
C ARG A 53 11.32 12.17 -7.32
N THR A 54 11.89 13.37 -7.27
CA THR A 54 13.35 13.51 -7.32
C THR A 54 13.99 12.90 -6.08
N LEU A 55 13.40 13.14 -4.90
CA LEU A 55 13.99 12.62 -3.67
C LEU A 55 13.81 11.11 -3.56
N LEU A 56 12.72 10.57 -4.09
CA LEU A 56 12.54 9.12 -4.10
C LEU A 56 13.63 8.44 -4.90
N ALA A 57 14.20 9.13 -5.88
CA ALA A 57 15.27 8.60 -6.71
C ALA A 57 16.67 8.93 -6.18
N ASP A 58 16.78 9.66 -5.07
CA ASP A 58 18.06 10.11 -4.56
C ASP A 58 18.66 9.04 -3.65
N ARG A 59 19.76 8.43 -4.08
CA ARG A 59 20.41 7.38 -3.30
CA ARG A 59 20.39 7.37 -3.30
C ARG A 59 20.91 7.84 -1.94
N ARG A 60 20.99 9.15 -1.71
CA ARG A 60 21.40 9.62 -0.39
C ARG A 60 20.27 9.55 0.62
N LEU A 61 19.02 9.44 0.15
CA LEU A 61 17.84 9.39 1.00
C LEU A 61 17.40 7.94 1.14
N ARG A 62 17.47 7.39 2.34
CA ARG A 62 17.28 5.97 2.55
C ARG A 62 16.31 5.68 3.67
N LEU A 63 15.82 4.45 3.69
CA LEU A 63 14.91 4.01 4.75
C LEU A 63 15.62 3.90 6.08
N SER A 64 16.85 3.38 6.08
CA SER A 64 17.55 3.11 7.33
C SER A 64 17.95 4.41 8.04
N ASN A 65 18.00 4.33 9.37
CA ASN A 65 18.39 5.45 10.21
C ASN A 65 19.90 5.41 10.45
N PRO A 66 20.66 6.39 9.99
CA PRO A 66 22.11 6.38 10.23
C PRO A 66 22.52 6.96 11.58
N ASN A 67 21.58 7.43 12.39
CA ASN A 67 21.94 8.22 13.56
C ASN A 67 22.50 7.33 14.67
N PRO A 68 23.48 7.83 15.44
CA PRO A 68 24.07 6.99 16.49
C PRO A 68 23.12 6.70 17.63
N GLN A 69 22.35 7.70 18.07
CA GLN A 69 21.33 7.51 19.08
C GLN A 69 19.97 7.60 18.39
N PRO A 70 19.49 6.51 17.78
CA PRO A 70 18.27 6.61 16.98
C PRO A 70 17.04 6.78 17.85
N SER A 71 16.13 7.64 17.40
CA SER A 71 14.88 7.85 18.11
C SER A 71 14.11 6.54 18.24
N ALA A 72 13.34 6.44 19.31
CA ALA A 72 12.51 5.27 19.54
C ALA A 72 11.40 5.19 18.49
N LYS A 73 11.02 3.96 18.15
CA LYS A 73 9.96 3.70 17.18
C LYS A 73 8.99 2.69 17.78
N SER A 74 7.74 2.75 17.33
CA SER A 74 6.77 1.75 17.75
C SER A 74 7.24 0.36 17.30
N ALA A 75 6.72 -0.67 17.97
CA ALA A 75 7.04 -2.03 17.55
C ALA A 75 6.59 -2.26 16.12
N ALA A 76 5.45 -1.68 15.73
CA ALA A 76 4.93 -1.82 14.38
C ALA A 76 5.91 -1.26 13.35
N ARG A 77 6.41 -0.04 13.58
CA ARG A 77 7.36 0.56 12.63
C ARG A 77 8.66 -0.21 12.60
N ALA A 78 9.12 -0.73 13.75
CA ALA A 78 10.35 -1.50 13.76
C ALA A 78 10.22 -2.77 12.94
N PHE A 79 9.09 -3.48 13.09
CA PHE A 79 8.85 -4.67 12.26
C PHE A 79 8.82 -4.32 10.78
N MET A 80 8.12 -3.23 10.43
CA MET A 80 8.03 -2.85 9.02
C MET A 80 9.40 -2.54 8.44
N VAL A 81 10.24 -1.82 9.20
CA VAL A 81 11.56 -1.47 8.71
C VAL A 81 12.43 -2.74 8.57
N ALA A 82 12.31 -3.66 9.53
CA ALA A 82 13.12 -4.88 9.47
C ALA A 82 12.71 -5.76 8.31
N LEU A 83 11.41 -5.85 8.04
CA LEU A 83 10.90 -6.59 6.88
C LEU A 83 11.47 -6.01 5.58
N CME A 84 11.81 -4.72 5.62
CA CME A 84 12.28 -4.02 4.43
CB CME A 84 11.65 -2.64 4.20
SG CME A 84 9.99 -2.70 3.61
SD CME A 84 9.64 -0.94 2.49
CE CME A 84 8.80 0.20 3.55
CZ CME A 84 9.41 0.35 4.93
OH CME A 84 8.66 1.34 5.62
C CME A 84 13.81 -3.91 4.42
O CME A 84 14.42 -3.17 3.65
N ALA A 85 14.42 -4.67 5.32
CA ALA A 85 15.88 -4.76 5.47
C ALA A 85 16.53 -3.40 5.72
N GLY A 86 15.79 -2.50 6.37
CA GLY A 86 16.30 -1.20 6.71
C GLY A 86 16.68 -1.03 8.17
N ASP A 87 16.72 -2.12 8.95
CA ASP A 87 16.92 -1.98 10.39
C ASP A 87 18.38 -1.73 10.76
N ASP A 88 19.32 -1.96 9.86
CA ASP A 88 20.75 -1.72 10.10
C ASP A 88 21.32 -0.96 8.91
N HIS A 89 21.66 0.33 9.12
CA HIS A 89 22.09 1.17 8.02
C HIS A 89 23.38 0.67 7.38
N GLU A 90 24.20 -0.06 8.14
CA GLU A 90 25.46 -0.56 7.59
C GLU A 90 25.27 -1.76 6.67
N THR A 91 24.23 -2.56 6.90
CA THR A 91 23.96 -3.72 6.07
C THR A 91 22.83 -3.51 5.07
N GLU A 92 22.13 -2.37 5.15
CA GLU A 92 21.01 -2.13 4.24
C GLU A 92 21.39 -2.23 2.77
N PRO A 93 22.51 -1.64 2.29
CA PRO A 93 22.81 -1.76 0.85
C PRO A 93 22.82 -3.18 0.32
N ALA A 94 23.52 -4.10 0.98
CA ALA A 94 23.59 -5.47 0.49
C ALA A 94 22.29 -6.22 0.77
N ARG A 95 21.71 -6.05 1.95
CA ARG A 95 20.51 -6.80 2.31
C ARG A 95 19.31 -6.36 1.47
N HIS A 96 19.17 -5.05 1.23
CA HIS A 96 18.05 -4.59 0.41
C HIS A 96 18.24 -5.00 -1.05
N ALA A 97 19.46 -4.90 -1.57
CA ALA A 97 19.72 -5.36 -2.93
C ALA A 97 19.36 -6.83 -3.09
N GLN A 98 19.76 -7.67 -2.13
CA GLN A 98 19.39 -9.08 -2.19
C GLN A 98 17.88 -9.27 -2.10
N MET A 99 17.23 -8.48 -1.25
CA MET A 99 15.79 -8.60 -1.09
C MET A 99 15.06 -8.40 -2.41
N ARG A 100 15.37 -7.30 -3.10
CA ARG A 100 14.74 -7.05 -4.40
C ARG A 100 15.15 -8.11 -5.41
N SER A 101 16.43 -8.51 -5.41
CA SER A 101 16.89 -9.53 -6.35
CA SER A 101 16.90 -9.53 -6.34
C SER A 101 16.10 -10.82 -6.18
N LEU A 102 15.75 -11.18 -4.95
CA LEU A 102 15.04 -12.43 -4.72
C LEU A 102 13.54 -12.30 -4.92
N LEU A 103 12.97 -11.11 -4.73
CA LEU A 103 11.51 -10.94 -4.84
C LEU A 103 11.05 -10.64 -6.26
N ILE A 104 11.77 -9.81 -7.01
CA ILE A 104 11.29 -9.38 -8.32
C ILE A 104 10.98 -10.56 -9.24
N PRO A 105 11.83 -11.60 -9.36
CA PRO A 105 11.50 -12.72 -10.24
C PRO A 105 10.38 -13.61 -9.73
N ARG A 106 9.86 -13.39 -8.53
CA ARG A 106 8.67 -14.13 -8.10
C ARG A 106 7.39 -13.58 -8.71
N PHE A 107 7.47 -12.47 -9.42
CA PHE A 107 6.29 -11.87 -10.04
C PHE A 107 6.46 -11.83 -11.55
N SER A 108 6.79 -12.97 -12.13
CA SER A 108 7.11 -13.06 -13.55
C SER A 108 5.85 -12.93 -14.39
N THR A 109 6.05 -12.67 -15.69
CA THR A 109 4.91 -12.54 -16.60
C THR A 109 4.11 -13.83 -16.65
N ARG A 110 4.79 -14.98 -16.57
CA ARG A 110 4.08 -16.26 -16.56
C ARG A 110 3.13 -16.34 -15.36
N ARG A 111 3.64 -16.04 -14.17
CA ARG A 111 2.80 -16.11 -12.98
C ARG A 111 1.66 -15.11 -13.03
N LEU A 112 1.96 -13.86 -13.43
CA LEU A 112 0.93 -12.82 -13.45
C LEU A 112 -0.16 -13.15 -14.46
N ARG A 113 0.21 -13.76 -15.58
CA ARG A 113 -0.78 -14.19 -16.57
CA ARG A 113 -0.77 -14.19 -16.57
C ARG A 113 -1.73 -15.22 -15.98
N LEU A 114 -1.19 -16.25 -15.33
CA LEU A 114 -2.04 -17.25 -14.69
C LEU A 114 -2.89 -16.63 -13.60
N MET A 115 -2.31 -15.75 -12.79
CA MET A 115 -3.08 -15.19 -11.69
C MET A 115 -4.17 -14.25 -12.18
N LYS A 116 -3.92 -13.51 -13.26
CA LYS A 116 -4.97 -12.67 -13.83
C LYS A 116 -6.21 -13.49 -14.17
N THR A 117 -6.01 -14.63 -14.84
CA THR A 117 -7.12 -15.51 -15.16
C THR A 117 -7.87 -15.93 -13.90
N ARG A 118 -7.14 -16.35 -12.87
CA ARG A 118 -7.81 -16.81 -11.65
C ARG A 118 -8.47 -15.67 -10.92
N ILE A 119 -7.83 -14.49 -10.91
CA ILE A 119 -8.41 -13.32 -10.26
C ILE A 119 -9.73 -12.93 -10.90
N GLU A 120 -9.79 -12.98 -12.23
CA GLU A 120 -11.01 -12.61 -12.93
C GLU A 120 -12.16 -13.54 -12.57
N HIS A 121 -11.92 -14.86 -12.61
CA HIS A 121 -12.97 -15.80 -12.22
C HIS A 121 -13.38 -15.59 -10.76
N HIS A 122 -12.42 -15.29 -9.89
CA HIS A 122 -12.74 -15.16 -8.47
C HIS A 122 -13.58 -13.92 -8.22
N VAL A 123 -13.28 -12.80 -8.88
CA VAL A 123 -14.13 -11.61 -8.75
C VAL A 123 -15.52 -11.91 -9.26
N ASP A 124 -15.62 -12.63 -10.38
CA ASP A 124 -16.94 -13.04 -10.89
C ASP A 124 -17.74 -13.77 -9.82
N GLU A 125 -17.09 -14.72 -9.15
CA GLU A 125 -17.77 -15.50 -8.12
C GLU A 125 -18.09 -14.65 -6.91
N LEU A 126 -17.13 -13.82 -6.46
CA LEU A 126 -17.39 -12.94 -5.33
C LEU A 126 -18.59 -12.04 -5.59
N LEU A 127 -18.73 -11.52 -6.81
CA LEU A 127 -19.82 -10.61 -7.11
C LEU A 127 -21.14 -11.35 -7.29
N ASP A 128 -21.12 -12.59 -7.81
CA ASP A 128 -22.33 -13.39 -7.83
C ASP A 128 -22.85 -13.61 -6.43
N GLN A 129 -21.96 -13.97 -5.50
CA GLN A 129 -22.35 -14.13 -4.10
C GLN A 129 -22.91 -12.82 -3.55
N LEU A 130 -22.27 -11.70 -3.86
CA LEU A 130 -22.73 -10.41 -3.36
C LEU A 130 -24.11 -10.07 -3.92
N ALA A 131 -24.27 -10.20 -5.25
CA ALA A 131 -25.54 -9.82 -5.88
C ALA A 131 -26.70 -10.68 -5.39
N ALA A 132 -26.43 -11.93 -5.02
CA ALA A 132 -27.50 -12.82 -4.57
C ALA A 132 -27.86 -12.61 -3.10
N SER A 133 -27.07 -11.85 -2.35
CA SER A 133 -27.33 -11.69 -0.93
C SER A 133 -28.28 -10.52 -0.69
N ALA A 134 -28.70 -10.39 0.57
CA ALA A 134 -29.73 -9.45 0.97
C ALA A 134 -29.10 -8.23 1.61
N PRO A 135 -29.24 -7.02 1.03
CA PRO A 135 -28.69 -5.80 1.62
C PRO A 135 -29.31 -5.48 3.00
N PRO A 136 -28.58 -4.78 3.87
CA PRO A 136 -27.22 -4.26 3.69
C PRO A 136 -26.12 -5.31 3.87
N VAL A 137 -25.05 -5.15 3.11
CA VAL A 137 -23.92 -6.06 3.07
C VAL A 137 -22.66 -5.26 3.36
N ASP A 138 -21.70 -5.87 4.06
CA ASP A 138 -20.39 -5.27 4.28
C ASP A 138 -19.52 -5.57 3.06
N LEU A 139 -19.40 -4.59 2.16
CA LEU A 139 -18.59 -4.79 0.96
C LEU A 139 -17.13 -5.04 1.30
N HIS A 140 -16.63 -4.41 2.36
CA HIS A 140 -15.25 -4.63 2.79
C HIS A 140 -14.99 -6.11 3.08
N ARG A 141 -15.90 -6.74 3.83
CA ARG A 141 -15.67 -8.13 4.27
C ARG A 141 -15.85 -9.11 3.12
N VAL A 142 -16.84 -8.89 2.24
CA VAL A 142 -17.18 -9.91 1.26
C VAL A 142 -16.56 -9.65 -0.11
N LEU A 143 -15.93 -8.50 -0.33
CA LEU A 143 -15.26 -8.25 -1.61
C LEU A 143 -13.83 -7.77 -1.40
N SER A 144 -13.68 -6.58 -0.82
CA SER A 144 -12.36 -5.98 -0.69
C SER A 144 -11.39 -6.89 0.05
N PHE A 145 -11.86 -7.52 1.14
CA PHE A 145 -10.98 -8.38 1.92
C PHE A 145 -10.69 -9.69 1.21
N ARG A 146 -11.64 -10.21 0.44
CA ARG A 146 -11.54 -11.59 -0.01
C ARG A 146 -10.63 -11.76 -1.22
N LEU A 147 -10.63 -10.80 -2.17
CA LEU A 147 -9.80 -10.99 -3.36
C LEU A 147 -8.32 -10.92 -3.07
N PRO A 148 -7.78 -9.92 -2.37
CA PRO A 148 -6.32 -9.90 -2.13
C PRO A 148 -5.84 -11.00 -1.22
N THR A 149 -6.64 -11.46 -0.26
CA THR A 149 -6.20 -12.59 0.55
C THR A 149 -6.19 -13.88 -0.26
N MET A 150 -7.15 -14.05 -1.16
CA MET A 150 -7.10 -15.15 -2.12
C MET A 150 -5.79 -15.12 -2.89
N VAL A 151 -5.41 -13.93 -3.36
CA VAL A 151 -4.19 -13.80 -4.16
C VAL A 151 -2.96 -14.21 -3.34
N VAL A 152 -2.89 -13.77 -2.09
CA VAL A 152 -1.74 -14.10 -1.26
C VAL A 152 -1.68 -15.60 -0.99
N CYS A 153 -2.84 -16.24 -0.79
CA CYS A 153 -2.87 -17.70 -0.66
C CYS A 153 -2.30 -18.36 -1.91
N ASP A 154 -2.58 -17.79 -3.09
CA ASP A 154 -2.06 -18.31 -4.34
C ASP A 154 -0.55 -18.15 -4.41
N LEU A 155 -0.05 -16.96 -4.07
CA LEU A 155 1.38 -16.70 -4.05
C LEU A 155 2.12 -17.65 -3.11
N LEU A 156 1.54 -17.92 -1.94
CA LEU A 156 2.19 -18.77 -0.94
C LEU A 156 1.90 -20.25 -1.13
N GLY A 157 0.92 -20.61 -1.95
CA GLY A 157 0.58 -22.00 -2.18
C GLY A 157 -0.05 -22.67 -0.97
N VAL A 158 -1.03 -22.00 -0.36
CA VAL A 158 -1.71 -22.50 0.83
C VAL A 158 -3.20 -22.53 0.52
N PRO A 159 -3.97 -23.35 1.25
CA PRO A 159 -5.42 -23.39 1.02
C PRO A 159 -6.04 -22.03 1.30
N LEU A 160 -7.13 -21.73 0.60
CA LEU A 160 -7.77 -20.43 0.75
C LEU A 160 -8.26 -20.20 2.18
N ALA A 161 -8.66 -21.26 2.88
CA ALA A 161 -9.13 -21.09 4.25
C ALA A 161 -8.03 -20.57 5.18
N ASP A 162 -6.75 -20.65 4.76
CA ASP A 162 -5.67 -20.10 5.57
C ASP A 162 -5.84 -18.60 5.79
N ARG A 163 -6.47 -17.88 4.86
CA ARG A 163 -6.59 -16.44 5.05
C ARG A 163 -7.52 -16.09 6.19
N GLU A 164 -8.38 -17.01 6.62
CA GLU A 164 -9.12 -16.77 7.85
C GLU A 164 -8.20 -16.83 9.05
N ARG A 165 -7.06 -17.49 8.93
CA ARG A 165 -6.06 -17.50 10.00
C ARG A 165 -5.21 -16.23 9.96
N PHE A 166 -4.78 -15.78 8.78
CA PHE A 166 -3.82 -14.69 8.68
C PHE A 166 -4.41 -13.36 8.24
N GLY A 167 -5.73 -13.28 8.03
CA GLY A 167 -6.33 -12.10 7.43
C GLY A 167 -6.25 -10.82 8.26
N GLN A 168 -6.02 -10.94 9.58
CA GLN A 168 -5.92 -9.75 10.43
C GLN A 168 -4.49 -9.50 10.89
N TRP A 169 -3.50 -10.25 10.38
CA TRP A 169 -2.16 -10.17 10.94
C TRP A 169 -1.41 -8.93 10.47
N ALA A 170 -1.67 -8.45 9.25
CA ALA A 170 -1.08 -7.19 8.82
C ALA A 170 -1.54 -6.05 9.71
N ARG A 171 -2.85 -5.97 9.97
CA ARG A 171 -3.39 -4.94 10.85
C ARG A 171 -2.80 -5.03 12.25
N GLY A 172 -2.69 -6.26 12.79
CA GLY A 172 -2.18 -6.40 14.14
C GLY A 172 -0.69 -6.13 14.26
N THR A 173 0.09 -6.62 13.29
CA THR A 173 1.53 -6.35 13.30
C THR A 173 1.80 -4.86 13.22
N PHE A 174 1.03 -4.14 12.40
CA PHE A 174 1.25 -2.72 12.17
C PHE A 174 0.35 -1.84 13.04
N ASP A 175 -0.11 -2.36 14.17
CA ASP A 175 -0.85 -1.56 15.15
C ASP A 175 0.15 -0.71 15.94
N GLN A 176 0.22 0.58 15.60
CA GLN A 176 1.14 1.50 16.27
C GLN A 176 0.73 1.82 17.69
N SER A 177 -0.49 1.49 18.10
CA SER A 177 -1.00 1.87 19.41
C SER A 177 -0.73 0.85 20.49
N ASP A 178 -0.32 -0.37 20.15
CA ASP A 178 -0.19 -1.46 21.11
C ASP A 178 1.05 -2.29 20.74
N ASN A 179 2.17 -2.00 21.39
CA ASN A 179 3.41 -2.70 21.10
C ASN A 179 3.32 -4.18 21.44
N GLU A 180 2.58 -4.52 22.50
CA GLU A 180 2.42 -5.92 22.90
C GLU A 180 1.63 -6.71 21.86
N HIS A 181 0.49 -6.16 21.43
CA HIS A 181 -0.31 -6.80 20.38
C HIS A 181 0.50 -6.95 19.10
N SER A 182 1.18 -5.87 18.69
CA SER A 182 2.03 -5.93 17.50
C SER A 182 3.03 -7.06 17.57
N ALA A 183 3.77 -7.14 18.69
CA ALA A 183 4.80 -8.17 18.83
C ALA A 183 4.19 -9.56 18.87
N ASN A 184 3.05 -9.72 19.55
CA ASN A 184 2.41 -11.03 19.61
C ASN A 184 1.87 -11.46 18.26
N THR A 185 1.30 -10.51 17.50
CA THR A 185 0.83 -10.85 16.17
C THR A 185 1.98 -11.26 15.26
N PHE A 186 3.08 -10.51 15.29
CA PHE A 186 4.21 -10.83 14.43
C PHE A 186 4.78 -12.22 14.75
N GLN A 187 4.77 -12.60 16.02
CA GLN A 187 5.22 -13.95 16.38
C GLN A 187 4.34 -15.00 15.73
N GLN A 188 3.03 -14.72 15.61
CA GLN A 188 2.15 -15.65 14.91
C GLN A 188 2.50 -15.75 13.44
N VAL A 189 2.79 -14.61 12.81
CA VAL A 189 3.23 -14.61 11.41
C VAL A 189 4.49 -15.45 11.26
N VAL A 190 5.46 -15.26 12.15
CA VAL A 190 6.73 -15.98 12.07
C VAL A 190 6.49 -17.48 12.25
N ASP A 191 5.70 -17.86 13.25
CA ASP A 191 5.40 -19.27 13.47
C ASP A 191 4.75 -19.90 12.24
N TYR A 192 3.76 -19.21 11.68
CA TYR A 192 3.07 -19.72 10.50
C TYR A 192 4.02 -19.88 9.32
N MET A 193 4.87 -18.87 9.08
CA MET A 193 5.74 -18.91 7.91
C MET A 193 6.80 -19.99 8.05
N LEU A 194 7.33 -20.20 9.26
CA LEU A 194 8.30 -21.26 9.48
C LEU A 194 7.66 -22.63 9.25
N GLU A 195 6.40 -22.81 9.69
CA GLU A 195 5.67 -24.01 9.32
C GLU A 195 5.62 -24.18 7.81
N LEU A 196 5.31 -23.10 7.10
CA LEU A 196 5.13 -23.17 5.66
C LEU A 196 6.44 -23.50 4.95
N VAL A 197 7.54 -22.89 5.39
CA VAL A 197 8.84 -23.18 4.80
C VAL A 197 9.21 -24.64 4.97
N ALA A 198 8.98 -25.19 6.17
CA ALA A 198 9.29 -26.60 6.40
C ALA A 198 8.42 -27.51 5.55
N ARG A 199 7.18 -27.12 5.27
CA ARG A 199 6.32 -27.91 4.40
C ARG A 199 6.79 -27.86 2.95
N LYS A 200 7.10 -26.66 2.45
CA LYS A 200 7.50 -26.53 1.06
C LYS A 200 8.85 -27.20 0.78
N ARG A 201 9.64 -27.47 1.83
CA ARG A 201 10.91 -28.17 1.61
C ARG A 201 10.69 -29.63 1.22
N VAL A 202 9.58 -30.25 1.66
CA VAL A 202 9.28 -31.61 1.26
C VAL A 202 8.10 -31.69 0.29
N GLU A 203 7.24 -30.67 0.21
CA GLU A 203 6.08 -30.66 -0.67
C GLU A 203 6.02 -29.33 -1.41
N PRO A 204 6.96 -29.08 -2.32
CA PRO A 204 6.95 -27.80 -3.05
C PRO A 204 5.83 -27.76 -4.10
N GLY A 205 5.51 -26.54 -4.52
CA GLY A 205 4.56 -26.33 -5.60
C GLY A 205 4.94 -25.14 -6.45
N ASP A 206 4.03 -24.69 -7.32
CA ASP A 206 4.24 -23.47 -8.10
C ASP A 206 3.89 -22.28 -7.20
N ASP A 207 4.84 -21.91 -6.35
CA ASP A 207 4.61 -20.87 -5.37
C ASP A 207 5.94 -20.25 -4.96
N ILE A 208 5.85 -19.17 -4.19
CA ILE A 208 7.00 -18.29 -3.97
C ILE A 208 8.02 -18.94 -3.05
N LEU A 209 7.59 -19.54 -1.94
CA LEU A 209 8.55 -20.16 -1.03
C LEU A 209 9.27 -21.33 -1.68
N SER A 210 8.55 -22.13 -2.49
CA SER A 210 9.20 -23.23 -3.19
C SER A 210 10.33 -22.71 -4.09
N GLU A 211 10.08 -21.60 -4.78
CA GLU A 211 11.08 -21.03 -5.66
C GLU A 211 12.29 -20.52 -4.89
N LEU A 212 12.06 -19.93 -3.71
CA LEU A 212 13.17 -19.47 -2.89
C LEU A 212 13.96 -20.64 -2.32
N ILE A 213 13.27 -21.71 -1.91
CA ILE A 213 13.95 -22.92 -1.46
C ILE A 213 14.87 -23.46 -2.55
N ALA A 214 14.42 -23.41 -3.80
CA ALA A 214 15.22 -23.90 -4.91
C ALA A 214 16.33 -22.93 -5.31
N GLU A 215 16.27 -21.68 -4.84
CA GLU A 215 17.13 -20.62 -5.34
C GLU A 215 18.59 -20.86 -4.97
N LYS A 216 19.47 -20.65 -5.96
CA LYS A 216 20.92 -20.77 -5.78
C LYS A 216 21.30 -22.11 -5.17
N ASP A 217 20.69 -23.18 -5.71
CA ASP A 217 20.87 -24.55 -5.24
C ASP A 217 20.68 -24.65 -3.72
N GLY A 218 19.66 -23.95 -3.22
CA GLY A 218 19.31 -24.05 -1.82
C GLY A 218 20.20 -23.27 -0.87
N ALA A 219 20.84 -22.19 -1.35
CA ALA A 219 21.80 -21.45 -0.54
C ALA A 219 21.15 -20.60 0.55
N LEU A 220 19.85 -20.36 0.48
CA LEU A 220 19.19 -19.52 1.47
C LEU A 220 18.81 -20.32 2.71
N SER A 221 18.98 -19.70 3.88
CA SER A 221 18.54 -20.32 5.11
C SER A 221 17.02 -20.23 5.23
N ASP A 222 16.45 -21.12 6.05
CA ASP A 222 15.01 -21.08 6.30
C ASP A 222 14.59 -19.74 6.91
N ALA A 223 15.44 -19.17 7.76
CA ALA A 223 15.12 -17.86 8.34
C ALA A 223 15.12 -16.78 7.26
N ASP A 224 16.08 -16.83 6.34
CA ASP A 224 16.08 -15.91 5.20
C ASP A 224 14.80 -16.06 4.38
N ILE A 225 14.41 -17.31 4.11
CA ILE A 225 13.26 -17.54 3.23
C ILE A 225 11.98 -17.12 3.93
N ALA A 226 11.82 -17.46 5.21
CA ALA A 226 10.62 -17.05 5.94
C ALA A 226 10.54 -15.54 6.06
N HIS A 227 11.69 -14.86 6.20
CA HIS A 227 11.70 -13.41 6.26
C HIS A 227 11.09 -12.80 5.00
N LEU A 228 11.45 -13.35 3.83
CA LEU A 228 10.89 -12.85 2.58
C LEU A 228 9.40 -13.18 2.49
N GLY A 229 9.01 -14.36 2.95
CA GLY A 229 7.60 -14.72 2.95
C GLY A 229 6.76 -13.87 3.88
N ASN A 230 7.34 -13.44 5.00
CA ASN A 230 6.64 -12.53 5.90
C ASN A 230 6.37 -11.20 5.22
N ALA A 231 7.32 -10.71 4.41
CA ALA A 231 7.09 -9.49 3.66
C ALA A 231 5.97 -9.68 2.64
N VAL A 232 5.94 -10.84 1.98
CA VAL A 232 4.87 -11.12 1.01
C VAL A 232 3.52 -11.16 1.73
N LEU A 233 3.47 -11.80 2.90
CA LEU A 233 2.21 -11.93 3.62
C LEU A 233 1.74 -10.59 4.14
N LEU A 234 2.65 -9.81 4.76
CA LEU A 234 2.25 -8.61 5.47
C LEU A 234 2.14 -7.38 4.57
N PHE A 235 2.84 -7.35 3.44
CA PHE A 235 2.65 -6.27 2.48
C PHE A 235 1.72 -6.65 1.32
N GLY A 236 1.40 -7.93 1.17
CA GLY A 236 0.79 -8.43 -0.05
C GLY A 236 -0.72 -8.41 -0.17
N TYR A 237 -1.46 -8.09 0.89
CA TYR A 237 -2.90 -7.97 0.71
C TYR A 237 -3.51 -6.72 1.34
N GLU A 238 -3.04 -6.30 2.52
CA GLU A 238 -3.76 -5.28 3.28
C GLU A 238 -3.91 -3.98 2.49
N THR A 239 -2.82 -3.47 1.91
CA THR A 239 -2.92 -2.20 1.19
C THR A 239 -3.82 -2.31 -0.04
N THR A 240 -3.88 -3.49 -0.66
CA THR A 240 -4.76 -3.70 -1.80
C THR A 240 -6.22 -3.68 -1.36
N ILE A 241 -6.54 -4.32 -0.22
CA ILE A 241 -7.88 -4.21 0.35
C ILE A 241 -8.28 -2.75 0.47
N VAL A 242 -7.38 -1.95 1.06
CA VAL A 242 -7.66 -0.53 1.28
C VAL A 242 -7.95 0.19 -0.03
N ARG A 243 -7.23 -0.19 -1.11
CA ARG A 243 -7.46 0.46 -2.40
C ARG A 243 -8.77 0.05 -3.05
N ILE A 244 -9.22 -1.18 -2.82
CA ILE A 244 -10.55 -1.58 -3.29
C ILE A 244 -11.62 -0.77 -2.57
N ASP A 245 -11.46 -0.57 -1.26
CA ASP A 245 -12.43 0.24 -0.52
C ASP A 245 -12.39 1.69 -0.98
N LEU A 246 -11.19 2.27 -1.10
CA LEU A 246 -11.09 3.67 -1.51
C LEU A 246 -11.59 3.86 -2.94
N GLY A 247 -11.26 2.93 -3.84
CA GLY A 247 -11.74 3.04 -5.20
C GLY A 247 -13.25 2.95 -5.29
N THR A 248 -13.85 2.06 -4.49
CA THR A 248 -15.30 1.97 -4.45
C THR A 248 -15.92 3.28 -3.96
N LEU A 249 -15.36 3.85 -2.89
CA LEU A 249 -15.88 5.11 -2.36
C LEU A 249 -15.69 6.25 -3.34
N LEU A 250 -14.54 6.32 -4.00
CA LEU A 250 -14.28 7.39 -4.97
C LEU A 250 -15.26 7.32 -6.14
N LEU A 251 -15.49 6.12 -6.67
CA LEU A 251 -16.41 5.99 -7.80
C LEU A 251 -17.84 6.28 -7.36
N LEU A 252 -18.22 5.87 -6.15
CA LEU A 252 -19.53 6.22 -5.62
C LEU A 252 -19.70 7.74 -5.50
N ARG A 253 -18.61 8.46 -5.27
CA ARG A 253 -18.61 9.92 -5.18
C ARG A 253 -18.70 10.62 -6.51
N ASN A 254 -18.40 9.93 -7.61
CA ASN A 254 -18.26 10.56 -8.92
C ASN A 254 -19.15 9.81 -9.89
N PRO A 255 -20.48 10.05 -9.82
CA PRO A 255 -21.42 9.26 -10.63
C PRO A 255 -21.18 9.36 -12.14
N VAL A 256 -20.72 10.50 -12.65
CA VAL A 256 -20.45 10.61 -14.09
C VAL A 256 -19.32 9.68 -14.49
N GLN A 257 -18.23 9.66 -13.70
CA GLN A 257 -17.13 8.74 -13.96
CA GLN A 257 -17.14 8.73 -13.97
C GLN A 257 -17.60 7.30 -13.84
N ARG A 258 -18.32 6.98 -12.75
CA ARG A 258 -18.86 5.65 -12.55
C ARG A 258 -19.69 5.20 -13.74
N ALA A 259 -20.55 6.09 -14.27
CA ALA A 259 -21.37 5.73 -15.41
C ALA A 259 -20.54 5.49 -16.66
N GLN A 260 -19.51 6.34 -16.89
CA GLN A 260 -18.60 6.09 -17.99
C GLN A 260 -17.99 4.70 -17.89
N LEU A 261 -17.55 4.32 -16.70
CA LEU A 261 -16.88 3.04 -16.51
C LEU A 261 -17.84 1.87 -16.63
N ALA A 262 -19.06 2.00 -16.08
CA ALA A 262 -20.06 0.95 -16.25
C ALA A 262 -20.35 0.72 -17.72
N GLU A 263 -20.43 1.81 -18.50
CA GLU A 263 -20.72 1.68 -19.92
C GLU A 263 -19.56 1.08 -20.70
N ASP A 264 -18.33 1.50 -20.39
CA ASP A 264 -17.14 1.03 -21.11
C ASP A 264 -16.12 0.54 -20.09
N PRO A 265 -16.12 -0.77 -19.80
CA PRO A 265 -15.11 -1.33 -18.88
C PRO A 265 -13.69 -1.22 -19.41
N GLY A 266 -13.49 -0.89 -20.69
CA GLY A 266 -12.15 -0.57 -21.16
C GLY A 266 -11.52 0.63 -20.49
N LEU A 267 -12.29 1.43 -19.75
CA LEU A 267 -11.76 2.52 -18.96
C LEU A 267 -11.23 2.07 -17.61
N ALA A 268 -11.32 0.78 -17.29
CA ALA A 268 -10.87 0.31 -15.98
C ALA A 268 -9.40 0.59 -15.71
N PRO A 269 -8.45 0.32 -16.62
CA PRO A 269 -7.05 0.67 -16.32
C PRO A 269 -6.87 2.14 -15.96
N ALA A 270 -7.51 3.05 -16.70
CA ALA A 270 -7.42 4.47 -16.37
C ALA A 270 -8.09 4.78 -15.04
N ALA A 271 -9.20 4.12 -14.75
CA ALA A 271 -9.85 4.31 -13.45
C ALA A 271 -8.97 3.83 -12.31
N VAL A 272 -8.29 2.70 -12.50
CA VAL A 272 -7.39 2.17 -11.47
C VAL A 272 -6.27 3.16 -11.19
N GLU A 273 -5.73 3.79 -12.24
CA GLU A 273 -4.67 4.77 -12.02
C GLU A 273 -5.19 6.01 -11.30
N GLU A 274 -6.42 6.42 -11.59
CA GLU A 274 -7.02 7.55 -10.86
C GLU A 274 -7.31 7.17 -9.40
N ILE A 275 -7.74 5.93 -9.18
CA ILE A 275 -8.02 5.46 -7.82
C ILE A 275 -6.74 5.47 -6.98
N LEU A 276 -5.65 4.98 -7.55
CA LEU A 276 -4.37 4.96 -6.86
C LEU A 276 -3.89 6.37 -6.55
N ARG A 277 -4.02 7.27 -7.53
CA ARG A 277 -3.57 8.65 -7.36
C ARG A 277 -4.38 9.38 -6.31
N LEU A 278 -5.71 9.22 -6.33
CA LEU A 278 -6.57 9.97 -5.44
C LEU A 278 -6.93 9.20 -4.17
N GLY A 279 -6.74 7.89 -4.14
CA GLY A 279 -7.10 7.11 -2.97
C GLY A 279 -6.24 7.38 -1.75
N VAL A 280 -6.64 8.36 -0.95
CA VAL A 280 -6.00 8.67 0.33
C VAL A 280 -7.11 8.80 1.37
N GLY A 281 -6.93 8.15 2.52
CA GLY A 281 -7.98 8.06 3.52
C GLY A 281 -7.62 8.77 4.81
N GLY A 282 -8.65 9.29 5.49
CA GLY A 282 -8.48 9.92 6.79
C GLY A 282 -7.42 10.99 6.78
N LYS A 283 -6.56 10.97 7.80
CA LYS A 283 -5.43 11.89 7.87
C LYS A 283 -4.27 11.49 6.97
N GLY A 284 -4.38 10.34 6.30
CA GLY A 284 -3.43 9.98 5.26
C GLY A 284 -2.01 9.80 5.72
N SER A 285 -1.81 9.36 6.97
CA SER A 285 -0.45 9.13 7.47
C SER A 285 0.26 8.03 6.69
N ASN A 286 -0.48 7.14 6.02
CA ASN A 286 0.12 6.08 5.22
C ASN A 286 0.52 6.56 3.84
N ALA A 287 0.05 7.73 3.40
CA ALA A 287 0.48 8.35 2.15
C ALA A 287 1.75 9.18 2.32
N LEU A 288 2.60 8.80 3.27
CA LEU A 288 3.91 9.40 3.46
C LEU A 288 4.96 8.29 3.45
N ILE A 289 6.00 8.47 2.64
CA ILE A 289 7.13 7.54 2.63
C ILE A 289 8.23 8.12 3.50
N PRO A 290 8.64 7.45 4.58
CA PRO A 290 9.66 7.99 5.47
C PRO A 290 11.07 7.65 5.01
N ARG A 291 11.99 8.57 5.32
CA ARG A 291 13.38 8.42 4.93
C ARG A 291 14.27 9.14 5.93
N TYR A 292 15.56 8.83 5.87
CA TYR A 292 16.61 9.59 6.54
C TYR A 292 17.64 10.01 5.52
N ALA A 293 18.19 11.20 5.69
CA ALA A 293 19.28 11.65 4.83
C ALA A 293 20.57 11.01 5.31
N HIS A 294 21.24 10.27 4.42
CA HIS A 294 22.57 9.74 4.69
C HIS A 294 23.66 10.67 4.20
N GLY A 295 23.27 11.78 3.57
CA GLY A 295 24.17 12.83 3.17
C GLY A 295 23.34 14.08 3.00
N ASP A 296 24.03 15.22 2.95
CA ASP A 296 23.33 16.49 2.78
C ASP A 296 22.69 16.57 1.40
N ILE A 297 21.45 17.06 1.37
CA ILE A 297 20.69 17.22 0.13
C ILE A 297 20.03 18.59 0.14
N THR A 298 20.14 19.32 -0.97
CA THR A 298 19.49 20.61 -1.11
C THR A 298 18.21 20.44 -1.90
N VAL A 299 17.12 21.00 -1.38
CA VAL A 299 15.82 21.00 -2.02
C VAL A 299 15.43 22.46 -2.21
N GLY A 300 15.59 22.96 -3.43
CA GLY A 300 15.41 24.37 -3.71
C GLY A 300 16.26 25.20 -2.77
N GLU A 301 15.62 25.81 -1.77
CA GLU A 301 16.33 26.70 -0.85
C GLU A 301 16.78 26.01 0.42
N THR A 302 16.36 24.78 0.63
CA THR A 302 16.45 24.12 1.92
C THR A 302 17.54 23.07 1.89
N VAL A 303 18.38 23.04 2.92
CA VAL A 303 19.42 22.03 3.07
C VAL A 303 18.92 20.98 4.04
N ILE A 304 18.77 19.76 3.56
CA ILE A 304 18.53 18.60 4.41
C ILE A 304 19.88 18.08 4.86
N ARG A 305 20.09 17.97 6.16
CA ARG A 305 21.36 17.53 6.71
C ARG A 305 21.36 16.03 6.97
N THR A 306 22.53 15.42 6.84
CA THR A 306 22.75 14.03 7.22
C THR A 306 22.15 13.76 8.59
N GLY A 307 21.31 12.72 8.66
CA GLY A 307 20.62 12.37 9.87
C GLY A 307 19.20 12.90 9.97
N ASP A 308 18.84 13.89 9.16
CA ASP A 308 17.48 14.44 9.23
C ASP A 308 16.45 13.44 8.71
N ALA A 309 15.31 13.40 9.38
CA ALA A 309 14.18 12.62 8.89
C ALA A 309 13.43 13.40 7.82
N VAL A 310 12.91 12.66 6.84
CA VAL A 310 12.20 13.25 5.70
C VAL A 310 10.93 12.45 5.47
N MET A 311 9.79 13.13 5.38
CA MET A 311 8.54 12.50 4.96
C MET A 311 8.20 12.95 3.55
N LEU A 312 8.23 12.00 2.61
CA LEU A 312 7.87 12.26 1.23
C LEU A 312 6.38 12.00 1.07
N ALA A 313 5.60 13.06 0.89
CA ALA A 313 4.14 12.98 0.89
C ALA A 313 3.68 12.59 -0.52
N ILE A 314 3.65 11.28 -0.79
CA ILE A 314 3.20 10.81 -2.10
C ILE A 314 1.73 11.12 -2.32
N GLY A 315 0.93 11.12 -1.26
CA GLY A 315 -0.46 11.49 -1.37
C GLY A 315 -0.62 12.92 -1.85
N ALA A 316 -0.01 13.86 -1.13
CA ALA A 316 -0.06 15.27 -1.51
C ALA A 316 0.48 15.47 -2.92
N ALA A 317 1.62 14.83 -3.23
CA ALA A 317 2.22 14.95 -4.55
C ALA A 317 1.26 14.46 -5.64
N ASN A 318 0.52 13.38 -5.36
CA ASN A 318 -0.41 12.86 -6.36
C ASN A 318 -1.57 13.81 -6.61
N TYR A 319 -1.89 14.70 -5.65
CA TYR A 319 -2.91 15.71 -5.80
C TYR A 319 -2.36 17.04 -6.36
N ASP A 320 -1.07 17.10 -6.64
CA ASP A 320 -0.39 18.36 -6.99
C ASP A 320 -0.89 18.88 -8.32
N ASP A 321 -1.49 20.08 -8.32
CA ASP A 321 -1.97 20.68 -9.56
C ASP A 321 -0.85 20.86 -10.57
N ARG A 322 0.40 21.03 -10.10
CA ARG A 322 1.53 21.21 -11.01
C ARG A 322 1.76 19.97 -11.86
N ALA A 323 1.38 18.80 -11.36
CA ALA A 323 1.58 17.55 -12.08
C ALA A 323 0.30 17.01 -12.71
N PHE A 324 -0.85 17.32 -12.13
CA PHE A 324 -2.15 16.85 -12.62
C PHE A 324 -3.10 18.03 -12.68
N PRO A 325 -3.46 18.50 -13.88
CA PRO A 325 -4.46 19.58 -13.97
C PRO A 325 -5.74 19.18 -13.25
N ASP A 326 -6.28 20.11 -12.48
CA ASP A 326 -7.41 19.84 -11.58
C ASP A 326 -7.10 18.62 -10.71
N GLY A 327 -6.00 18.71 -9.98
CA GLY A 327 -5.45 17.53 -9.31
C GLY A 327 -6.41 16.88 -8.34
N GLY A 328 -7.35 17.64 -7.79
CA GLY A 328 -8.33 17.07 -6.88
C GLY A 328 -9.49 16.38 -7.54
N LEU A 329 -9.56 16.36 -8.87
CA LEU A 329 -10.71 15.82 -9.58
C LEU A 329 -10.45 14.40 -10.08
N PHE A 330 -11.45 13.53 -9.93
CA PHE A 330 -11.44 12.20 -10.52
C PHE A 330 -11.79 12.32 -12.00
N ASP A 331 -10.87 11.93 -12.89
CA ASP A 331 -11.07 12.14 -14.32
C ASP A 331 -10.57 10.92 -15.10
N LEU A 332 -11.51 10.18 -15.70
CA LEU A 332 -11.18 9.03 -16.52
C LEU A 332 -10.67 9.38 -17.90
N THR A 333 -10.67 10.66 -18.26
CA THR A 333 -10.33 11.09 -19.61
C THR A 333 -9.03 11.86 -19.66
N ARG A 334 -8.21 11.80 -18.62
CA ARG A 334 -6.93 12.49 -18.62
C ARG A 334 -6.07 12.01 -19.78
N VAL A 335 -5.59 12.96 -20.57
CA VAL A 335 -4.70 12.67 -21.69
C VAL A 335 -3.28 12.58 -21.16
N ARG A 336 -2.66 11.42 -21.35
CA ARG A 336 -1.27 11.19 -20.96
C ARG A 336 -0.98 11.70 -19.55
N PRO A 337 -1.69 11.20 -18.53
CA PRO A 337 -1.42 11.67 -17.18
C PRO A 337 -0.04 11.20 -16.72
N ARG A 338 0.59 12.03 -15.89
CA ARG A 338 1.87 11.66 -15.32
C ARG A 338 1.72 10.41 -14.46
N SER A 339 2.80 9.64 -14.37
CA SER A 339 2.80 8.47 -13.49
C SER A 339 2.68 8.92 -12.04
N HIS A 340 1.63 8.44 -11.36
CA HIS A 340 1.45 8.78 -9.96
C HIS A 340 2.52 8.11 -9.10
N LEU A 341 2.59 8.55 -7.85
CA LEU A 341 3.62 8.10 -6.92
C LEU A 341 3.06 7.14 -5.86
N ALA A 342 1.87 6.59 -6.06
CA ALA A 342 1.24 5.77 -5.03
C ALA A 342 1.97 4.45 -4.78
N PHE A 343 2.77 3.97 -5.74
CA PHE A 343 3.64 2.81 -5.55
C PHE A 343 5.07 3.22 -5.24
N GLY A 344 5.31 4.50 -4.95
CA GLY A 344 6.66 4.97 -4.76
C GLY A 344 7.38 5.16 -6.08
N HIS A 345 8.70 5.13 -6.00
CA HIS A 345 9.58 5.47 -7.12
C HIS A 345 11.01 5.22 -6.72
N GLY A 346 11.86 4.82 -7.66
CA GLY A 346 13.27 4.63 -7.34
C GLY A 346 13.59 3.29 -6.70
N ALA A 347 14.53 3.32 -5.74
CA ALA A 347 15.15 2.09 -5.26
C ALA A 347 14.15 1.14 -4.62
N ARG A 348 13.10 1.65 -3.98
CA ARG A 348 12.15 0.80 -3.27
C ARG A 348 10.78 0.77 -3.93
N HIS A 349 10.69 1.13 -5.20
CA HIS A 349 9.48 1.04 -6.00
C HIS A 349 8.78 -0.30 -5.79
N CYS A 350 7.50 -0.24 -5.42
CA CYS A 350 6.67 -1.39 -5.06
C CYS A 350 6.89 -2.59 -5.97
N ILE A 351 7.20 -3.73 -5.35
CA ILE A 351 7.47 -4.97 -6.09
C ILE A 351 6.18 -5.61 -6.58
N GLY A 352 5.09 -5.48 -5.85
CA GLY A 352 3.84 -6.10 -6.23
C GLY A 352 2.93 -5.25 -7.09
N ARG A 353 3.42 -4.11 -7.61
CA ARG A 353 2.53 -3.11 -8.20
C ARG A 353 1.82 -3.61 -9.45
N THR A 354 2.45 -4.47 -10.24
CA THR A 354 1.79 -5.00 -11.43
C THR A 354 0.67 -5.97 -11.04
N LEU A 355 0.94 -6.82 -10.05
CA LEU A 355 -0.11 -7.69 -9.53
C LEU A 355 -1.24 -6.90 -8.90
N ALA A 356 -0.90 -5.90 -8.08
CA ALA A 356 -1.92 -5.07 -7.46
C ALA A 356 -2.81 -4.40 -8.51
N ARG A 357 -2.19 -3.90 -9.59
CA ARG A 357 -2.98 -3.33 -10.69
C ARG A 357 -3.88 -4.38 -11.33
N ILE A 358 -3.40 -5.62 -11.45
CA ILE A 358 -4.24 -6.67 -12.03
C ILE A 358 -5.49 -6.89 -11.19
N GLU A 359 -5.34 -6.89 -9.86
CA GLU A 359 -6.48 -7.09 -8.97
C GLU A 359 -7.47 -5.95 -9.06
N LEU A 360 -6.97 -4.71 -8.98
CA LEU A 360 -7.85 -3.55 -9.00
C LEU A 360 -8.56 -3.43 -10.35
N THR A 361 -7.86 -3.75 -11.45
CA THR A 361 -8.49 -3.70 -12.76
C THR A 361 -9.61 -4.72 -12.88
N ALA A 362 -9.38 -5.94 -12.40
CA ALA A 362 -10.40 -6.98 -12.51
C ALA A 362 -11.65 -6.62 -11.71
N VAL A 363 -11.46 -6.01 -10.53
CA VAL A 363 -12.59 -5.58 -9.73
C VAL A 363 -13.39 -4.50 -10.46
N PHE A 364 -12.71 -3.42 -10.85
CA PHE A 364 -13.44 -2.26 -11.33
C PHE A 364 -13.82 -2.36 -12.79
N GLU A 365 -13.35 -3.40 -13.49
CA GLU A 365 -13.99 -3.79 -14.75
C GLU A 365 -15.41 -4.26 -14.51
N ARG A 366 -15.66 -4.88 -13.35
CA ARG A 366 -16.88 -5.67 -13.11
C ARG A 366 -17.86 -5.05 -12.14
N LEU A 367 -17.37 -4.25 -11.18
CA LEU A 367 -18.17 -3.94 -9.99
C LEU A 367 -19.49 -3.28 -10.34
N PHE A 368 -19.44 -2.13 -11.02
CA PHE A 368 -20.65 -1.36 -11.29
C PHE A 368 -21.41 -1.86 -12.50
N ARG A 369 -20.80 -2.70 -13.32
CA ARG A 369 -21.55 -3.44 -14.31
C ARG A 369 -22.41 -4.51 -13.64
N ARG A 370 -21.83 -5.24 -12.69
CA ARG A 370 -22.54 -6.34 -12.04
C ARG A 370 -23.55 -5.84 -11.02
N LEU A 371 -23.26 -4.72 -10.34
CA LEU A 371 -24.14 -4.15 -9.31
C LEU A 371 -24.44 -2.70 -9.65
N PRO A 372 -25.29 -2.46 -10.66
CA PRO A 372 -25.46 -1.07 -11.15
C PRO A 372 -26.05 -0.11 -10.13
N ASP A 373 -26.80 -0.60 -9.14
CA ASP A 373 -27.39 0.25 -8.12
C ASP A 373 -26.61 0.25 -6.81
N LEU A 374 -25.35 -0.20 -6.82
CA LEU A 374 -24.55 -0.20 -5.61
C LEU A 374 -24.45 1.20 -5.03
N ARG A 375 -24.60 1.30 -3.70
CA ARG A 375 -24.41 2.57 -3.03
C ARG A 375 -24.23 2.29 -1.54
N LEU A 376 -23.64 3.26 -0.85
CA LEU A 376 -23.47 3.14 0.59
C LEU A 376 -24.83 3.00 1.27
N ALA A 377 -24.87 2.15 2.30
CA ALA A 377 -26.06 2.00 3.13
C ALA A 377 -25.99 2.81 4.41
N VAL A 378 -24.87 3.51 4.62
CA VAL A 378 -24.69 4.42 5.74
C VAL A 378 -24.11 5.72 5.18
N PRO A 379 -24.14 6.81 5.95
CA PRO A 379 -23.46 8.03 5.50
C PRO A 379 -21.97 7.84 5.43
N GLU A 380 -21.34 8.52 4.47
CA GLU A 380 -19.88 8.51 4.38
C GLU A 380 -19.24 8.90 5.71
N GLU A 381 -19.80 9.93 6.36
CA GLU A 381 -19.22 10.47 7.59
C GLU A 381 -19.14 9.44 8.70
N SER A 382 -19.87 8.34 8.60
CA SER A 382 -19.80 7.28 9.60
C SER A 382 -18.69 6.28 9.30
N LEU A 383 -18.00 6.41 8.17
CA LEU A 383 -16.91 5.51 7.84
C LEU A 383 -15.64 5.97 8.54
N ARG A 384 -14.93 5.02 9.15
CA ARG A 384 -13.91 5.30 10.15
C ARG A 384 -12.56 4.81 9.70
N TRP A 385 -11.70 5.74 9.29
CA TRP A 385 -10.33 5.42 8.94
C TRP A 385 -9.55 5.11 10.21
N GLN A 386 -8.80 4.01 10.19
CA GLN A 386 -8.15 3.50 11.41
C GLN A 386 -6.75 4.09 11.49
N GLU A 387 -6.64 5.22 12.19
CA GLU A 387 -5.40 6.00 12.19
C GLU A 387 -4.25 5.27 12.88
N HIS A 388 -4.56 4.35 13.79
CA HIS A 388 -3.50 3.71 14.58
C HIS A 388 -2.75 2.63 13.81
N ARG A 389 -3.30 2.13 12.71
CA ARG A 389 -2.61 1.13 11.89
C ARG A 389 -1.79 1.86 10.84
N ILE A 390 -0.54 1.41 10.64
CA ILE A 390 0.33 2.05 9.66
C ILE A 390 -0.36 2.10 8.30
N THR A 391 -1.13 1.07 7.99
CA THR A 391 -1.81 0.94 6.71
C THR A 391 -3.22 1.53 6.72
N GLY A 392 -3.63 2.17 7.83
CA GLY A 392 -4.91 2.85 7.88
C GLY A 392 -6.07 1.91 7.56
N GLY A 393 -6.96 2.38 6.69
CA GLY A 393 -8.05 1.56 6.19
C GLY A 393 -9.35 1.73 6.98
N PHE A 394 -10.44 1.33 6.34
CA PHE A 394 -11.76 1.25 6.96
C PHE A 394 -12.02 -0.18 7.44
N ASP A 395 -12.73 -0.31 8.56
CA ASP A 395 -13.03 -1.63 9.08
C ASP A 395 -14.29 -2.25 8.47
N GLU A 396 -15.14 -1.45 7.81
CA GLU A 396 -16.34 -1.98 7.20
C GLU A 396 -16.87 -0.96 6.20
N ILE A 397 -17.57 -1.44 5.18
CA ILE A 397 -18.15 -0.58 4.15
C ILE A 397 -19.58 -1.08 3.88
N PRO A 398 -20.58 -0.62 4.63
CA PRO A 398 -21.95 -1.12 4.41
C PRO A 398 -22.55 -0.55 3.13
N VAL A 399 -23.07 -1.45 2.29
CA VAL A 399 -23.67 -1.05 1.02
C VAL A 399 -25.03 -1.70 0.86
N THR A 400 -25.83 -1.11 -0.02
CA THR A 400 -27.02 -1.71 -0.57
C THR A 400 -26.87 -1.72 -2.09
N PHE A 401 -27.79 -2.38 -2.77
CA PHE A 401 -27.67 -2.56 -4.22
C PHE A 401 -28.96 -3.13 -4.82
C1 7PF B . 3.94 -0.03 1.37
C2 7PF B . 4.35 -0.70 2.68
C15 7PF B . 5.55 -1.61 2.49
C14 7PF B . 3.21 -1.56 3.25
C7 7PF B . 2.19 1.74 1.51
C12 7PF B . 2.24 2.70 4.77
C10 7PF B . 4.25 4.19 2.50
C3 7PF B . 4.77 0.53 3.54
C13 7PF B . 0.22 2.02 2.77
C11 7PF B . 4.55 3.25 4.79
C6 7PF B . 1.55 1.77 2.68
C8 7PF B . 3.58 1.46 1.66
C5 7PF B . 2.42 1.57 3.76
C9 7PF B . 4.45 3.03 3.43
C4 7PF B . 3.81 1.67 3.14
O4 7PF B . -0.45 2.23 1.74
O2 7PF B . 5.63 3.59 5.30
O5 7PF B . -0.39 2.01 3.87
O3 7PF B . 3.44 2.97 5.54
O1 7PF B . 5.54 3.49 2.62
CHA HEM C . 6.86 -1.24 -1.45
CHB HEM C . 2.43 0.67 -2.07
CHC HEM C . 0.71 -3.75 -3.11
CHD HEM C . 5.00 -5.72 -2.05
C1A HEM C . 5.85 -0.32 -1.58
C2A HEM C . 5.99 1.12 -1.55
C3A HEM C . 4.75 1.65 -1.72
C4A HEM C . 3.81 0.55 -1.88
CMA HEM C . 4.41 3.15 -1.75
CAA HEM C . 7.29 1.95 -1.37
CBA HEM C . 7.71 2.05 0.09
CGA HEM C . 8.98 2.87 0.22
O1A HEM C . 9.36 3.57 -0.77
O2A HEM C . 9.63 2.84 1.31
C1B HEM C . 1.57 -0.36 -2.41
C2B HEM C . 0.17 -0.24 -2.73
C3B HEM C . -0.31 -1.46 -3.01
C4B HEM C . 0.79 -2.40 -2.90
CMB HEM C . -0.61 1.10 -2.71
CAB HEM C . -1.74 -1.90 -3.41
CBB HEM C . -2.55 -1.13 -4.16
C1C HEM C . 1.70 -4.68 -2.92
C2C HEM C . 1.60 -6.10 -3.12
C3C HEM C . 2.79 -6.66 -2.84
C4C HEM C . 3.68 -5.59 -2.44
CMC HEM C . 0.30 -6.79 -3.61
CAC HEM C . 3.25 -8.15 -2.88
CBC HEM C . 2.43 -9.19 -3.06
C1D HEM C . 5.86 -4.68 -1.75
C2D HEM C . 7.21 -4.83 -1.25
C3D HEM C . 7.72 -3.59 -1.08
C4D HEM C . 6.72 -2.62 -1.48
CMD HEM C . 7.91 -6.16 -0.96
CAD HEM C . 9.14 -3.27 -0.57
CBD HEM C . 9.99 -2.75 -1.73
CGD HEM C . 11.38 -2.37 -1.26
O1D HEM C . 12.32 -2.49 -2.08
O2D HEM C . 11.54 -1.98 -0.07
NA HEM C . 4.52 -0.63 -1.79
NB HEM C . 1.92 -1.70 -2.52
NC HEM C . 2.99 -4.40 -2.49
ND HEM C . 5.61 -3.33 -1.87
FE HEM C . 3.83 -2.48 -2.42
#